data_4EC9
#
_entry.id   4EC9
#
_cell.length_a   174.229
_cell.length_b   174.229
_cell.length_c   97.990
_cell.angle_alpha   90.00
_cell.angle_beta   90.00
_cell.angle_gamma   120.00
#
_symmetry.space_group_name_H-M   'H 3'
#
loop_
_entity.id
_entity.type
_entity.pdbx_description
1 polymer 'Cyclin-dependent kinase 9'
2 polymer Cyclin-T1
#
loop_
_entity_poly.entity_id
_entity_poly.type
_entity_poly.pdbx_seq_one_letter_code
_entity_poly.pdbx_strand_id
1 'polypeptide(L)'
;GPAKQYDSVECPFCDEVSKYEKLAKIGQGTFGEVFKARHRKTGQKVALKKVLMENEKEGFPITALREIKILQLLKHENVV
NLIEICRTKASPYNRCKGSIYLVFDFCEHDLAGLLSNVLVKFTLSEIKRVMQMLLNGLYYIHRNKILHRDMKAANVLITR
DGVLKLADFGLARAFSLAKNSQPNRY(TPO)NRVVTLWYRPPELLLGERDYGPPIDLWGAGCIMAEMWTRSPIMQGNTEQ
HQLALISQLCGSITPEVWPNVDNYELYEKLELVKGQKRKVKDRLKAYVRDPYALDLIDKLLVLDPAQRIDSDDALNHDFF
WSDPMPSDLKGMLSTHLTSMFEYLAPPRRKGSQITQQSTNQSRNPATTNQTEFERVF
;
A
2 'polypeptide(L)'
;GPEGERKNNNKRWYFTREQLENSPSRRFGVDPDKELSYRQQAANLLQDMGQRLNVSQLTINTAIVYMHRFYMIQSFTRFP
GNSVAPAALFLAAKVEGQPKKLEHVIKVAHTCLHPQESLPDTRSEAYLQQVQDLVILESIILQTLGFELTIDHPHTHVVK
CTQLVRASKDLAQTSYFMATNSLHLTTFSLQYTPPVVACVCIHLACKWSNWEIPVSTDGKHWWEYVDATVTLELLDELTH
ELLQILEKTPNRLKRIWNWR
;
B
#
# COMPACT_ATOMS: atom_id res chain seq x y z
N SER A 8 20.34 -21.60 -11.45
CA SER A 8 19.68 -21.24 -10.20
C SER A 8 20.12 -19.85 -9.75
N VAL A 9 19.17 -19.03 -9.32
CA VAL A 9 19.49 -17.68 -8.84
C VAL A 9 19.29 -17.52 -7.34
N GLU A 10 20.07 -16.60 -6.78
CA GLU A 10 20.05 -16.36 -5.35
C GLU A 10 18.67 -15.83 -4.93
N CYS A 11 18.19 -16.15 -3.74
CA CYS A 11 16.84 -15.70 -3.36
C CYS A 11 16.65 -15.62 -1.86
N PRO A 12 17.50 -14.84 -1.17
CA PRO A 12 17.48 -14.79 0.29
C PRO A 12 16.11 -14.47 0.90
N PHE A 13 15.28 -13.71 0.20
CA PHE A 13 14.12 -13.10 0.84
C PHE A 13 12.76 -13.56 0.32
N CYS A 14 12.74 -14.60 -0.48
CA CYS A 14 11.47 -15.19 -0.89
C CYS A 14 11.67 -16.68 -0.72
N ASP A 15 11.10 -17.24 0.34
CA ASP A 15 11.27 -18.66 0.61
C ASP A 15 10.30 -19.43 -0.27
N GLU A 16 10.68 -20.65 -0.63
CA GLU A 16 9.78 -21.54 -1.36
C GLU A 16 8.66 -22.05 -0.48
N VAL A 17 7.46 -22.05 -1.06
CA VAL A 17 6.26 -22.43 -0.35
C VAL A 17 6.32 -23.89 0.09
N SER A 18 7.28 -24.65 -0.46
CA SER A 18 7.50 -26.03 -0.04
C SER A 18 7.75 -26.22 1.46
N LYS A 19 8.13 -25.16 2.15
CA LYS A 19 8.30 -25.22 3.59
C LYS A 19 6.96 -25.58 4.25
N TYR A 20 5.87 -25.26 3.58
CA TYR A 20 4.50 -25.58 4.04
C TYR A 20 3.85 -26.81 3.36
N GLU A 21 3.03 -27.52 4.12
CA GLU A 21 2.33 -28.71 3.66
C GLU A 21 0.84 -28.39 3.45
N LYS A 22 0.37 -28.48 2.22
CA LYS A 22 -1.03 -28.14 1.91
C LYS A 22 -2.04 -29.10 2.54
N LEU A 23 -2.95 -28.62 3.39
CA LEU A 23 -3.93 -29.53 3.97
C LEU A 23 -5.31 -29.55 3.28
N ALA A 24 -5.89 -28.38 2.98
CA ALA A 24 -7.27 -28.33 2.50
C ALA A 24 -7.74 -26.97 1.95
N LYS A 25 -8.36 -26.94 0.77
CA LYS A 25 -9.02 -25.72 0.30
C LYS A 25 -10.16 -25.22 1.17
N ILE A 26 -9.84 -24.24 2.01
CA ILE A 26 -10.81 -23.55 2.84
C ILE A 26 -11.47 -22.36 2.12
N GLY A 27 -10.97 -22.04 0.94
CA GLY A 27 -11.54 -20.98 0.13
C GLY A 27 -12.04 -21.48 -1.21
N GLY A 32 -10.47 -17.59 -6.33
CA GLY A 32 -9.89 -17.28 -5.04
C GLY A 32 -9.47 -18.51 -4.27
N GLU A 33 -8.27 -19.02 -4.57
CA GLU A 33 -7.79 -20.29 -3.99
C GLU A 33 -7.10 -20.13 -2.65
N VAL A 34 -7.77 -20.57 -1.60
CA VAL A 34 -7.21 -20.52 -0.27
C VAL A 34 -6.93 -21.90 0.34
N PHE A 35 -5.71 -22.15 0.78
CA PHE A 35 -5.37 -23.47 1.34
C PHE A 35 -4.97 -23.27 2.80
N LYS A 36 -5.38 -24.20 3.66
CA LYS A 36 -4.79 -24.31 5.00
C LYS A 36 -3.52 -25.11 4.91
N ALA A 37 -2.47 -24.69 5.60
CA ALA A 37 -1.24 -25.48 5.52
C ALA A 37 -0.43 -25.46 6.82
N ARG A 38 0.60 -26.30 6.85
CA ARG A 38 1.30 -26.57 8.09
C ARG A 38 2.78 -26.42 7.82
N HIS A 39 3.46 -25.56 8.58
CA HIS A 39 4.90 -25.43 8.48
C HIS A 39 5.51 -26.80 8.80
N ARG A 40 6.42 -27.30 7.96
CA ARG A 40 6.89 -28.69 8.08
C ARG A 40 7.77 -29.00 9.30
N LYS A 41 8.28 -27.96 9.93
CA LYS A 41 9.19 -28.09 11.09
C LYS A 41 8.54 -27.75 12.43
N THR A 42 7.60 -26.80 12.46
CA THR A 42 7.07 -26.29 13.73
C THR A 42 5.59 -26.65 13.94
N GLY A 43 4.91 -26.99 12.86
CA GLY A 43 3.51 -27.36 12.91
C GLY A 43 2.62 -26.15 12.88
N GLN A 44 3.25 -24.98 12.86
CA GLN A 44 2.53 -23.71 12.84
C GLN A 44 1.55 -23.67 11.67
N LYS A 45 0.28 -23.41 11.96
CA LYS A 45 -0.74 -23.36 10.91
C LYS A 45 -0.80 -22.01 10.18
N VAL A 46 -0.96 -22.05 8.86
CA VAL A 46 -1.00 -20.82 8.05
C VAL A 46 -2.07 -20.96 6.97
N ALA A 47 -2.42 -19.84 6.36
CA ALA A 47 -3.27 -19.83 5.18
C ALA A 47 -2.44 -19.39 3.98
N LEU A 48 -2.52 -20.15 2.90
CA LEU A 48 -1.82 -19.82 1.67
C LEU A 48 -2.81 -19.33 0.62
N LYS A 49 -2.65 -18.09 0.19
CA LYS A 49 -3.49 -17.51 -0.85
C LYS A 49 -2.62 -17.34 -2.09
N LYS A 50 -2.91 -18.10 -3.14
CA LYS A 50 -2.11 -18.09 -4.38
C LYS A 50 -2.49 -16.83 -5.15
N VAL A 51 -1.54 -16.22 -5.86
CA VAL A 51 -1.89 -15.15 -6.79
C VAL A 51 -2.34 -15.64 -8.16
N LEU A 52 -3.64 -15.43 -8.41
CA LEU A 52 -4.29 -15.78 -9.66
C LEU A 52 -3.71 -14.99 -10.85
N MET A 53 -3.23 -15.71 -11.86
CA MET A 53 -2.70 -15.10 -13.07
C MET A 53 -3.53 -15.48 -14.30
N GLU A 54 -4.83 -15.71 -14.10
CA GLU A 54 -5.71 -16.21 -15.16
C GLU A 54 -5.21 -15.82 -16.54
N ASN A 55 -5.09 -14.51 -16.80
CA ASN A 55 -4.47 -14.04 -18.02
C ASN A 55 -3.32 -13.09 -17.67
N GLU A 56 -3.65 -11.95 -17.07
CA GLU A 56 -2.64 -11.01 -16.61
C GLU A 56 -1.58 -10.83 -17.68
N LYS A 57 -1.94 -10.04 -18.69
CA LYS A 57 -1.08 -9.84 -19.85
C LYS A 57 -0.12 -8.69 -19.58
N GLU A 58 -0.02 -8.29 -18.31
CA GLU A 58 0.79 -7.16 -17.89
C GLU A 58 1.70 -7.48 -16.70
N GLY A 59 2.40 -8.61 -16.79
CA GLY A 59 3.24 -9.05 -15.68
C GLY A 59 2.43 -9.24 -14.41
N PHE A 60 3.11 -9.03 -13.29
CA PHE A 60 2.53 -9.15 -11.95
C PHE A 60 1.36 -8.19 -11.69
N PRO A 61 0.20 -8.73 -11.33
CA PRO A 61 -1.06 -7.98 -11.15
C PRO A 61 -0.94 -6.77 -10.23
N ILE A 62 -1.26 -5.57 -10.73
CA ILE A 62 -1.15 -4.34 -9.92
C ILE A 62 -2.00 -4.34 -8.65
N THR A 63 -3.11 -5.07 -8.71
CA THR A 63 -4.00 -5.19 -7.59
C THR A 63 -3.34 -5.99 -6.48
N ALA A 64 -2.59 -7.02 -6.86
CA ALA A 64 -1.84 -7.79 -5.89
C ALA A 64 -0.71 -6.95 -5.28
N LEU A 65 -0.06 -6.13 -6.11
CA LEU A 65 0.94 -5.23 -5.58
C LEU A 65 0.29 -4.34 -4.54
N ARG A 66 -0.89 -3.85 -4.86
CA ARG A 66 -1.62 -2.96 -3.97
C ARG A 66 -2.00 -3.61 -2.65
N GLU A 67 -2.54 -4.81 -2.75
CA GLU A 67 -2.97 -5.53 -1.58
C GLU A 67 -1.76 -5.80 -0.72
N ILE A 68 -0.69 -6.30 -1.32
CA ILE A 68 0.55 -6.51 -0.58
C ILE A 68 1.05 -5.24 0.13
N LYS A 69 1.06 -4.12 -0.59
CA LYS A 69 1.55 -2.90 0.06
C LYS A 69 0.69 -2.62 1.29
N ILE A 70 -0.62 -2.76 1.13
CA ILE A 70 -1.51 -2.53 2.27
C ILE A 70 -1.39 -3.52 3.44
N LEU A 71 -1.33 -4.81 3.15
CA LEU A 71 -1.10 -5.80 4.19
C LEU A 71 0.21 -5.56 4.91
N GLN A 72 1.24 -5.15 4.16
CA GLN A 72 2.53 -4.88 4.80
C GLN A 72 2.42 -3.65 5.68
N LEU A 73 1.53 -2.73 5.32
CA LEU A 73 1.38 -1.56 6.18
C LEU A 73 0.63 -1.90 7.45
N LEU A 74 -0.46 -2.64 7.33
CA LEU A 74 -1.37 -2.86 8.45
C LEU A 74 -0.94 -4.01 9.35
N LYS A 75 -0.44 -3.63 10.51
CA LYS A 75 -0.05 -4.52 11.59
C LYS A 75 -0.77 -4.18 12.86
N HIS A 76 -1.77 -5.00 13.19
CA HIS A 76 -2.68 -4.70 14.29
C HIS A 76 -3.38 -5.98 14.74
N GLU A 77 -3.67 -6.08 16.04
CA GLU A 77 -4.26 -7.30 16.60
C GLU A 77 -5.57 -7.74 15.94
N ASN A 78 -6.34 -6.78 15.43
CA ASN A 78 -7.64 -7.07 14.81
C ASN A 78 -7.62 -6.97 13.28
N VAL A 79 -6.43 -7.09 12.70
CA VAL A 79 -6.28 -7.16 11.24
C VAL A 79 -5.49 -8.40 10.89
N VAL A 80 -5.96 -9.09 9.86
CA VAL A 80 -5.36 -10.34 9.43
C VAL A 80 -3.89 -10.02 9.19
N ASN A 81 -3.02 -10.99 9.46
CA ASN A 81 -1.59 -10.77 9.38
C ASN A 81 -0.89 -11.47 8.25
N LEU A 82 -0.37 -10.71 7.30
CA LEU A 82 0.46 -11.31 6.26
C LEU A 82 1.82 -11.63 6.88
N ILE A 83 2.19 -12.91 6.88
CA ILE A 83 3.44 -13.38 7.47
C ILE A 83 4.62 -13.14 6.54
N GLU A 84 4.44 -13.51 5.28
CA GLU A 84 5.49 -13.40 4.28
C GLU A 84 4.91 -13.73 2.92
N ILE A 85 5.72 -13.53 1.89
CA ILE A 85 5.38 -13.93 0.54
C ILE A 85 6.35 -15.00 0.08
N CYS A 86 5.78 -16.03 -0.51
CA CYS A 86 6.51 -17.21 -0.92
C CYS A 86 6.41 -17.37 -2.41
N ARG A 87 7.44 -17.96 -2.98
CA ARG A 87 7.49 -18.19 -4.40
C ARG A 87 7.22 -19.66 -4.55
N THR A 88 7.32 -20.18 -5.75
CA THR A 88 7.08 -21.59 -5.91
C THR A 88 8.23 -22.27 -6.64
N LYS A 89 8.94 -21.49 -7.46
CA LYS A 89 10.03 -22.02 -8.27
C LYS A 89 9.48 -22.81 -9.46
N GLY A 98 6.13 -20.95 -12.41
CA GLY A 98 6.32 -19.99 -11.33
C GLY A 98 5.01 -19.43 -10.83
N SER A 99 4.90 -19.31 -9.50
CA SER A 99 3.71 -18.77 -8.86
C SER A 99 4.13 -18.02 -7.61
N ILE A 100 3.15 -17.45 -6.92
CA ILE A 100 3.45 -16.69 -5.72
C ILE A 100 2.33 -16.94 -4.74
N TYR A 101 2.63 -17.00 -3.45
CA TYR A 101 1.61 -17.27 -2.48
C TYR A 101 1.76 -16.23 -1.39
N LEU A 102 0.63 -15.67 -0.95
CA LEU A 102 0.59 -14.85 0.24
C LEU A 102 0.36 -15.79 1.41
N VAL A 103 1.22 -15.70 2.41
CA VAL A 103 1.09 -16.51 3.59
C VAL A 103 0.52 -15.70 4.76
N PHE A 104 -0.63 -16.10 5.29
CA PHE A 104 -1.23 -15.46 6.48
C PHE A 104 -1.31 -16.33 7.72
N ASP A 105 -1.18 -15.71 8.89
CA ASP A 105 -1.58 -16.37 10.12
C ASP A 105 -2.97 -16.97 9.92
N PHE A 106 -3.09 -18.25 10.26
CA PHE A 106 -4.32 -19.02 10.09
C PHE A 106 -5.39 -18.66 11.14
N CYS A 107 -6.65 -18.63 10.71
CA CYS A 107 -7.80 -18.32 11.57
C CYS A 107 -8.87 -19.41 11.40
N GLU A 108 -9.29 -20.03 12.50
CA GLU A 108 -10.15 -21.21 12.39
C GLU A 108 -11.55 -20.87 11.87
N HIS A 109 -12.16 -19.85 12.43
CA HIS A 109 -13.56 -19.54 12.11
C HIS A 109 -13.68 -18.26 11.30
N ASP A 110 -14.86 -18.06 10.71
CA ASP A 110 -15.18 -16.81 10.04
C ASP A 110 -16.63 -16.57 10.36
N LEU A 111 -16.96 -15.31 10.62
CA LEU A 111 -18.29 -14.96 11.07
C LEU A 111 -19.47 -15.53 10.29
N ALA A 112 -19.36 -15.64 8.97
CA ALA A 112 -20.46 -16.21 8.20
C ALA A 112 -20.74 -17.68 8.58
N GLY A 113 -19.66 -18.45 8.73
CA GLY A 113 -19.77 -19.84 9.15
C GLY A 113 -20.34 -20.01 10.55
N LEU A 114 -20.18 -18.99 11.37
CA LEU A 114 -20.67 -19.04 12.75
C LEU A 114 -22.09 -18.50 12.84
N LEU A 115 -22.40 -17.49 12.04
CA LEU A 115 -23.72 -16.89 12.08
C LEU A 115 -24.70 -17.84 11.40
N SER A 116 -24.22 -18.68 10.50
CA SER A 116 -25.12 -19.64 9.86
C SER A 116 -25.25 -20.96 10.64
N ASN A 117 -24.22 -21.36 11.37
CA ASN A 117 -24.30 -22.61 12.14
C ASN A 117 -25.18 -22.39 13.38
N VAL A 118 -26.38 -22.97 13.36
CA VAL A 118 -27.38 -22.81 14.43
C VAL A 118 -26.82 -23.29 15.77
N LEU A 119 -25.89 -24.24 15.71
CA LEU A 119 -25.27 -24.81 16.92
C LEU A 119 -24.36 -23.77 17.60
N VAL A 120 -24.47 -22.52 17.18
CA VAL A 120 -23.69 -21.43 17.75
C VAL A 120 -24.55 -20.37 18.41
N LYS A 121 -24.19 -19.98 19.63
CA LYS A 121 -24.97 -19.02 20.40
C LYS A 121 -24.09 -18.01 21.13
N PHE A 122 -24.36 -16.71 20.89
CA PHE A 122 -23.64 -15.63 21.55
C PHE A 122 -24.44 -15.04 22.71
N THR A 123 -23.77 -14.74 23.82
CA THR A 123 -24.39 -13.94 24.86
C THR A 123 -24.22 -12.49 24.48
N LEU A 124 -24.99 -11.59 25.07
CA LEU A 124 -24.82 -10.17 24.80
C LEU A 124 -23.38 -9.72 25.06
N SER A 125 -22.75 -10.31 26.07
CA SER A 125 -21.42 -9.90 26.50
C SER A 125 -20.36 -10.23 25.45
N GLU A 126 -20.52 -11.37 24.79
CA GLU A 126 -19.53 -11.78 23.82
C GLU A 126 -19.80 -10.98 22.55
N ILE A 127 -21.06 -10.80 22.18
CA ILE A 127 -21.40 -9.91 21.06
C ILE A 127 -20.81 -8.51 21.27
N LYS A 128 -20.91 -7.98 22.50
CA LYS A 128 -20.28 -6.71 22.82
C LYS A 128 -18.80 -6.85 22.48
N ARG A 129 -18.22 -7.98 22.86
CA ARG A 129 -16.78 -8.14 22.63
C ARG A 129 -16.45 -8.14 21.13
N VAL A 130 -17.21 -8.92 20.36
CA VAL A 130 -17.03 -8.95 18.91
C VAL A 130 -17.09 -7.56 18.28
N MET A 131 -18.17 -6.83 18.56
CA MET A 131 -18.28 -5.48 18.00
C MET A 131 -17.17 -4.55 18.46
N GLN A 132 -16.69 -4.75 19.69
CA GLN A 132 -15.63 -3.87 20.14
C GLN A 132 -14.35 -4.16 19.33
N MET A 133 -13.98 -5.43 19.15
CA MET A 133 -12.77 -5.69 18.36
C MET A 133 -12.98 -5.20 16.93
N LEU A 134 -14.14 -5.45 16.35
CA LEU A 134 -14.37 -5.02 14.97
C LEU A 134 -14.20 -3.50 14.77
N LEU A 135 -14.89 -2.71 15.59
CA LEU A 135 -14.80 -1.26 15.49
C LEU A 135 -13.36 -0.83 15.76
N ASN A 136 -12.64 -1.57 16.59
CA ASN A 136 -11.25 -1.24 16.83
C ASN A 136 -10.36 -1.48 15.61
N GLY A 137 -10.63 -2.56 14.89
CA GLY A 137 -9.95 -2.80 13.62
C GLY A 137 -10.21 -1.68 12.63
N LEU A 138 -11.48 -1.33 12.46
CA LEU A 138 -11.79 -0.23 11.55
C LEU A 138 -11.10 1.07 11.94
N TYR A 139 -11.12 1.40 13.23
CA TYR A 139 -10.49 2.61 13.70
C TYR A 139 -9.03 2.59 13.27
N TYR A 140 -8.41 1.42 13.44
CA TYR A 140 -7.00 1.30 13.08
C TYR A 140 -6.75 1.51 11.59
N ILE A 141 -7.49 0.82 10.73
CA ILE A 141 -7.21 0.96 9.30
C ILE A 141 -7.52 2.38 8.82
N HIS A 142 -8.56 3.00 9.35
CA HIS A 142 -8.88 4.37 8.94
C HIS A 142 -7.82 5.36 9.40
N ARG A 143 -7.35 5.22 10.64
CA ARG A 143 -6.26 6.06 11.13
C ARG A 143 -5.06 5.98 10.19
N ASN A 144 -4.93 4.88 9.44
CA ASN A 144 -3.83 4.71 8.49
C ASN A 144 -4.25 5.02 7.04
N LYS A 145 -5.37 5.72 6.87
CA LYS A 145 -5.73 6.21 5.54
C LYS A 145 -6.06 5.07 4.57
N ILE A 146 -6.65 3.99 5.09
CA ILE A 146 -7.10 2.90 4.24
C ILE A 146 -8.61 2.70 4.32
N LEU A 147 -9.24 2.47 3.18
CA LEU A 147 -10.63 2.02 3.12
C LEU A 147 -10.64 0.52 2.76
N HIS A 148 -11.43 -0.26 3.49
CA HIS A 148 -11.51 -1.71 3.27
C HIS A 148 -12.37 -2.03 2.04
N ARG A 149 -13.52 -1.36 1.93
CA ARG A 149 -14.35 -1.39 0.74
C ARG A 149 -15.03 -2.74 0.44
N ASP A 150 -14.90 -3.70 1.34
CA ASP A 150 -15.54 -5.00 1.18
C ASP A 150 -16.10 -5.55 2.49
N MET A 151 -16.70 -4.68 3.28
CA MET A 151 -17.33 -5.09 4.53
C MET A 151 -18.43 -6.13 4.34
N LYS A 152 -18.21 -7.32 4.90
CA LYS A 152 -19.24 -8.37 4.99
C LYS A 152 -18.84 -9.44 6.01
N ALA A 153 -19.82 -10.17 6.55
CA ALA A 153 -19.56 -11.18 7.59
C ALA A 153 -18.44 -12.17 7.25
N ALA A 154 -18.38 -12.59 5.99
CA ALA A 154 -17.40 -13.60 5.56
C ALA A 154 -15.96 -13.10 5.55
N ASN A 155 -15.77 -11.79 5.59
CA ASN A 155 -14.43 -11.21 5.66
C ASN A 155 -14.01 -10.93 7.10
N VAL A 156 -14.86 -11.28 8.06
CA VAL A 156 -14.49 -11.18 9.47
C VAL A 156 -14.06 -12.54 9.99
N LEU A 157 -12.80 -12.65 10.34
CA LEU A 157 -12.24 -13.89 10.82
C LEU A 157 -12.17 -13.89 12.35
N ILE A 158 -12.21 -15.08 12.93
CA ILE A 158 -12.00 -15.24 14.36
C ILE A 158 -11.02 -16.37 14.63
N THR A 159 -9.99 -16.09 15.42
CA THR A 159 -8.98 -17.10 15.68
C THR A 159 -9.50 -18.03 16.76
N ARG A 160 -8.86 -19.18 16.87
CA ARG A 160 -9.19 -20.20 17.86
C ARG A 160 -9.23 -19.71 19.31
N ASP A 161 -8.52 -18.61 19.60
CA ASP A 161 -8.41 -18.05 20.95
C ASP A 161 -9.34 -16.85 21.15
N GLY A 162 -10.26 -16.64 20.21
CA GLY A 162 -11.30 -15.63 20.34
C GLY A 162 -10.92 -14.20 20.00
N VAL A 163 -9.87 -14.04 19.18
CA VAL A 163 -9.46 -12.75 18.64
C VAL A 163 -10.01 -12.48 17.24
N LEU A 164 -10.76 -11.40 17.07
CA LEU A 164 -11.29 -11.03 15.74
C LEU A 164 -10.30 -10.33 14.81
N LYS A 165 -10.24 -10.80 13.56
CA LYS A 165 -9.35 -10.18 12.57
C LYS A 165 -10.09 -9.87 11.27
N LEU A 166 -9.95 -8.64 10.75
CA LEU A 166 -10.37 -8.27 9.39
C LEU A 166 -9.50 -8.83 8.27
N ALA A 167 -10.12 -9.41 7.24
CA ALA A 167 -9.37 -10.09 6.19
C ALA A 167 -9.76 -9.64 4.78
N ASP A 168 -8.98 -10.09 3.79
CA ASP A 168 -9.28 -9.86 2.37
C ASP A 168 -9.27 -8.39 1.97
N PHE A 169 -8.06 -7.85 1.78
CA PHE A 169 -7.88 -6.46 1.41
C PHE A 169 -7.68 -6.27 -0.09
N GLY A 170 -8.08 -7.28 -0.86
CA GLY A 170 -7.87 -7.27 -2.28
C GLY A 170 -8.71 -6.17 -2.91
N LEU A 171 -9.68 -5.67 -2.17
CA LEU A 171 -10.48 -4.55 -2.66
C LEU A 171 -10.25 -3.24 -1.92
N ALA A 172 -9.36 -3.25 -0.93
CA ALA A 172 -9.06 -2.04 -0.17
C ALA A 172 -8.33 -1.00 -1.03
N ARG A 173 -8.22 0.22 -0.52
CA ARG A 173 -7.67 1.33 -1.28
C ARG A 173 -7.27 2.42 -0.27
N ALA A 174 -6.13 3.05 -0.48
CA ALA A 174 -5.72 4.25 0.27
C ALA A 174 -6.59 5.48 -0.02
N PHE A 175 -6.76 6.38 0.95
CA PHE A 175 -7.53 7.60 0.68
C PHE A 175 -6.76 8.82 1.16
N SER A 176 -7.29 10.00 0.84
CA SER A 176 -6.63 11.26 1.15
C SER A 176 -7.52 12.40 1.62
N LEU A 177 -6.85 13.40 2.16
CA LEU A 177 -7.47 14.65 2.59
C LEU A 177 -7.74 15.46 1.33
N ALA A 178 -8.93 15.30 0.77
CA ALA A 178 -9.26 15.75 -0.58
C ALA A 178 -9.52 17.25 -0.73
N LYS A 179 -8.60 18.07 -0.25
CA LYS A 179 -8.80 19.51 -0.30
C LYS A 179 -8.15 20.10 -1.54
N ASN A 180 -7.86 21.39 -1.51
CA ASN A 180 -7.37 22.10 -2.68
C ASN A 180 -8.43 22.01 -3.78
N SER A 181 -9.68 21.93 -3.35
CA SER A 181 -10.83 22.02 -4.25
C SER A 181 -10.78 21.08 -5.45
N GLN A 182 -10.48 19.81 -5.20
CA GLN A 182 -10.54 18.80 -6.24
C GLN A 182 -11.05 17.50 -5.65
N PRO A 183 -12.38 17.33 -5.62
CA PRO A 183 -12.92 16.15 -4.96
C PRO A 183 -12.36 14.85 -5.53
N ASN A 184 -12.31 13.85 -4.66
CA ASN A 184 -11.72 12.56 -4.93
C ASN A 184 -12.49 11.79 -6.00
N ARG A 185 -11.77 11.08 -6.87
CA ARG A 185 -12.44 10.26 -7.86
C ARG A 185 -12.11 8.78 -7.71
N TYR A 186 -12.61 8.25 -6.60
CA TYR A 186 -12.50 6.84 -6.23
C TYR A 186 -13.49 6.00 -7.04
N TPO A 187 -13.24 4.70 -7.16
CA TPO A 187 -14.13 3.81 -7.92
CB TPO A 187 -13.43 2.48 -8.20
CG2 TPO A 187 -13.10 2.34 -9.68
OG1 TPO A 187 -12.29 2.44 -7.31
P TPO A 187 -10.87 1.95 -7.88
O1P TPO A 187 -9.83 2.68 -7.13
O2P TPO A 187 -10.69 0.37 -7.61
O3P TPO A 187 -10.64 2.28 -9.44
C TPO A 187 -15.46 3.64 -7.18
O TPO A 187 -15.48 3.51 -5.97
N ASN A 188 -16.58 3.65 -7.91
CA ASN A 188 -17.91 3.60 -7.27
C ASN A 188 -18.58 2.23 -7.07
N ARG A 189 -18.29 1.30 -7.97
CA ARG A 189 -18.77 -0.09 -7.95
C ARG A 189 -17.98 -0.98 -6.98
N VAL A 190 -17.95 -0.56 -5.72
CA VAL A 190 -17.15 -1.18 -4.64
C VAL A 190 -18.03 -1.59 -3.45
N VAL A 191 -17.71 -2.76 -2.88
CA VAL A 191 -18.34 -3.36 -1.67
C VAL A 191 -19.58 -4.10 -2.14
N THR A 192 -19.72 -5.33 -1.65
CA THR A 192 -20.87 -6.17 -1.94
C THR A 192 -22.18 -5.48 -1.70
N LEU A 193 -23.10 -5.79 -2.61
CA LEU A 193 -24.39 -5.16 -2.67
C LEU A 193 -25.16 -5.08 -1.36
N TRP A 194 -25.22 -6.19 -0.63
CA TRP A 194 -26.05 -6.20 0.57
C TRP A 194 -25.47 -5.30 1.67
N TYR A 195 -24.16 -5.07 1.59
CA TYR A 195 -23.47 -4.28 2.60
C TYR A 195 -23.14 -2.90 2.07
N ARG A 196 -23.44 -2.68 0.80
CA ARG A 196 -23.04 -1.44 0.15
C ARG A 196 -23.89 -0.28 0.66
N PRO A 197 -23.22 0.80 1.09
CA PRO A 197 -23.87 1.99 1.64
C PRO A 197 -24.55 2.85 0.56
N PRO A 198 -25.54 3.67 0.95
CA PRO A 198 -26.30 4.60 0.10
C PRO A 198 -25.43 5.45 -0.82
N GLU A 199 -24.41 6.10 -0.25
CA GLU A 199 -23.50 6.96 -1.01
C GLU A 199 -23.13 6.33 -2.35
N LEU A 200 -22.61 5.12 -2.30
CA LEU A 200 -22.14 4.39 -3.48
C LEU A 200 -23.24 4.14 -4.50
N LEU A 201 -24.41 3.73 -4.03
CA LEU A 201 -25.54 3.46 -4.89
C LEU A 201 -25.98 4.71 -5.69
N LEU A 202 -25.70 5.91 -5.19
CA LEU A 202 -26.05 7.12 -5.96
C LEU A 202 -24.90 7.56 -6.86
N GLY A 203 -23.83 6.78 -6.94
CA GLY A 203 -22.76 7.08 -7.87
C GLY A 203 -21.70 8.00 -7.29
N GLU A 204 -21.60 8.03 -5.97
CA GLU A 204 -20.60 8.87 -5.30
C GLU A 204 -19.17 8.40 -5.51
N ARG A 205 -18.28 9.35 -5.74
CA ARG A 205 -16.87 9.05 -5.97
C ARG A 205 -15.96 9.79 -5.00
N ASP A 206 -16.55 10.66 -4.19
CA ASP A 206 -15.83 11.37 -3.13
C ASP A 206 -16.33 10.88 -1.78
N TYR A 207 -16.08 9.61 -1.50
CA TYR A 207 -16.55 8.96 -0.27
C TYR A 207 -15.35 8.67 0.62
N GLY A 208 -15.60 8.33 1.87
CA GLY A 208 -14.53 8.09 2.81
C GLY A 208 -14.84 6.88 3.68
N PRO A 209 -14.27 6.85 4.90
CA PRO A 209 -14.38 5.74 5.84
C PRO A 209 -15.81 5.33 6.21
N PRO A 210 -16.75 6.28 6.16
CA PRO A 210 -18.13 5.92 6.47
C PRO A 210 -18.70 4.75 5.69
N ILE A 211 -18.17 4.45 4.50
CA ILE A 211 -18.73 3.33 3.75
C ILE A 211 -18.45 2.04 4.49
N ASP A 212 -17.31 1.98 5.14
CA ASP A 212 -16.95 0.80 5.91
C ASP A 212 -17.81 0.69 7.16
N LEU A 213 -18.20 1.83 7.69
CA LEU A 213 -18.94 1.83 8.94
C LEU A 213 -20.36 1.38 8.75
N TRP A 214 -20.92 1.74 7.60
CA TRP A 214 -22.21 1.25 7.21
C TRP A 214 -22.37 -0.27 7.17
N GLY A 215 -21.39 -0.97 6.59
CA GLY A 215 -21.44 -2.42 6.55
C GLY A 215 -21.40 -3.04 7.92
N ALA A 216 -20.70 -2.36 8.80
CA ALA A 216 -20.56 -2.76 10.19
C ALA A 216 -21.94 -2.72 10.76
N GLY A 217 -22.70 -1.69 10.43
CA GLY A 217 -24.08 -1.66 10.85
C GLY A 217 -24.76 -2.98 10.48
N CYS A 218 -24.68 -3.36 9.21
CA CYS A 218 -25.39 -4.54 8.71
C CYS A 218 -25.01 -5.81 9.42
N ILE A 219 -23.74 -5.88 9.77
CA ILE A 219 -23.20 -7.01 10.46
C ILE A 219 -23.70 -7.03 11.91
N MET A 220 -23.78 -5.87 12.57
CA MET A 220 -24.23 -5.86 13.95
C MET A 220 -25.60 -6.52 13.99
N ALA A 221 -26.49 -6.02 13.16
CA ALA A 221 -27.83 -6.57 13.09
C ALA A 221 -27.75 -8.06 12.77
N GLU A 222 -26.73 -8.44 12.01
CA GLU A 222 -26.62 -9.83 11.60
C GLU A 222 -26.28 -10.73 12.76
N MET A 223 -25.77 -10.13 13.83
CA MET A 223 -25.42 -10.92 15.00
C MET A 223 -26.69 -11.47 15.64
N TRP A 224 -27.83 -10.83 15.36
CA TRP A 224 -29.10 -11.32 15.90
C TRP A 224 -29.97 -11.97 14.82
N THR A 225 -30.09 -11.35 13.66
CA THR A 225 -30.94 -11.91 12.61
C THR A 225 -30.27 -13.15 12.01
N ARG A 226 -28.98 -13.33 12.28
CA ARG A 226 -28.24 -14.51 11.83
C ARG A 226 -28.31 -14.59 10.32
N SER A 227 -28.53 -13.45 9.69
CA SER A 227 -28.74 -13.42 8.26
C SER A 227 -28.76 -11.98 7.77
N PRO A 228 -28.16 -11.75 6.59
CA PRO A 228 -28.07 -10.37 6.08
C PRO A 228 -29.44 -9.74 5.98
N ILE A 229 -29.58 -8.71 6.81
CA ILE A 229 -30.81 -7.98 7.01
C ILE A 229 -31.43 -7.46 5.71
N MET A 230 -30.60 -7.15 4.72
CA MET A 230 -31.09 -6.56 3.47
C MET A 230 -30.55 -7.19 2.19
N GLN A 231 -31.30 -8.12 1.61
CA GLN A 231 -30.80 -8.89 0.47
C GLN A 231 -31.47 -8.44 -0.83
N GLY A 232 -30.72 -7.72 -1.68
CA GLY A 232 -31.24 -7.21 -2.93
C GLY A 232 -30.91 -7.99 -4.20
N ASN A 233 -31.88 -7.99 -5.11
CA ASN A 233 -31.79 -8.64 -6.42
C ASN A 233 -30.85 -7.91 -7.33
N THR A 234 -31.11 -6.61 -7.39
CA THR A 234 -30.28 -5.62 -8.05
C THR A 234 -30.17 -4.40 -7.17
N GLU A 235 -29.26 -3.52 -7.55
CA GLU A 235 -29.01 -2.26 -6.88
C GLU A 235 -30.31 -1.47 -6.62
N GLN A 236 -31.22 -1.45 -7.58
CA GLN A 236 -32.49 -0.75 -7.39
C GLN A 236 -33.32 -1.44 -6.27
N HIS A 237 -33.28 -2.77 -6.26
CA HIS A 237 -33.94 -3.57 -5.23
C HIS A 237 -33.29 -3.27 -3.88
N GLN A 238 -31.96 -3.13 -3.87
CA GLN A 238 -31.26 -2.80 -2.64
C GLN A 238 -31.73 -1.45 -2.13
N LEU A 239 -31.80 -0.45 -3.01
CA LEU A 239 -32.24 0.87 -2.56
C LEU A 239 -33.69 0.95 -2.09
N ALA A 240 -34.55 0.17 -2.72
CA ALA A 240 -35.93 0.15 -2.26
C ALA A 240 -35.96 -0.51 -0.89
N LEU A 241 -35.33 -1.67 -0.79
CA LEU A 241 -35.30 -2.41 0.46
C LEU A 241 -34.73 -1.56 1.61
N ILE A 242 -33.59 -0.91 1.35
CA ILE A 242 -32.94 0.01 2.29
C ILE A 242 -33.87 1.11 2.77
N SER A 243 -34.66 1.63 1.83
CA SER A 243 -35.61 2.69 2.14
C SER A 243 -36.74 2.24 3.08
N GLN A 244 -37.16 0.99 2.97
CA GLN A 244 -38.24 0.46 3.81
C GLN A 244 -37.81 0.25 5.25
N LEU A 245 -36.53 0.50 5.51
CA LEU A 245 -35.98 0.38 6.85
C LEU A 245 -35.53 1.75 7.34
N CYS A 246 -34.84 2.51 6.50
CA CYS A 246 -34.22 3.74 7.00
C CYS A 246 -34.93 5.05 6.63
N GLY A 247 -36.18 4.96 6.16
CA GLY A 247 -36.87 6.12 5.63
C GLY A 247 -36.51 6.45 4.20
N SER A 248 -37.01 7.60 3.71
CA SER A 248 -36.74 7.96 2.33
C SER A 248 -35.73 9.10 2.27
N ILE A 249 -34.96 9.13 1.19
CA ILE A 249 -33.95 10.17 1.02
C ILE A 249 -34.66 11.52 0.85
N THR A 250 -34.05 12.59 1.34
CA THR A 250 -34.67 13.92 1.34
C THR A 250 -33.64 14.96 1.75
N PRO A 251 -33.56 16.07 1.01
CA PRO A 251 -32.62 17.12 1.41
C PRO A 251 -32.81 17.52 2.87
N GLU A 252 -33.95 17.17 3.47
CA GLU A 252 -34.15 17.45 4.88
C GLU A 252 -33.36 16.46 5.75
N VAL A 253 -33.42 15.17 5.41
CA VAL A 253 -32.68 14.16 6.16
C VAL A 253 -31.20 14.25 5.79
N TRP A 254 -30.94 14.41 4.50
CA TRP A 254 -29.59 14.38 3.98
C TRP A 254 -29.33 15.61 3.11
N PRO A 255 -29.00 16.74 3.74
CA PRO A 255 -28.73 17.99 3.01
C PRO A 255 -27.81 17.76 1.81
N ASN A 256 -28.15 18.28 0.64
CA ASN A 256 -27.31 18.20 -0.56
C ASN A 256 -27.55 16.92 -1.34
N VAL A 257 -28.42 16.07 -0.80
CA VAL A 257 -28.71 14.80 -1.45
C VAL A 257 -29.07 15.06 -2.91
N ASP A 258 -29.76 16.18 -3.11
CA ASP A 258 -30.20 16.62 -4.44
C ASP A 258 -29.13 16.56 -5.51
N ASN A 259 -27.96 17.07 -5.15
CA ASN A 259 -26.78 17.09 -5.99
C ASN A 259 -26.52 15.85 -6.86
N TYR A 260 -26.95 14.67 -6.42
CA TYR A 260 -26.81 13.45 -7.21
C TYR A 260 -27.65 13.37 -8.49
N GLU A 261 -27.01 12.93 -9.56
CA GLU A 261 -27.65 12.77 -10.86
C GLU A 261 -28.67 11.64 -10.91
N LEU A 262 -28.66 10.76 -9.91
CA LEU A 262 -29.52 9.59 -9.93
C LEU A 262 -30.61 9.68 -8.87
N TYR A 263 -30.76 10.86 -8.26
CA TYR A 263 -31.70 11.06 -7.17
C TYR A 263 -33.12 10.58 -7.50
N GLU A 264 -33.80 11.31 -8.38
CA GLU A 264 -35.15 10.96 -8.79
C GLU A 264 -35.07 10.23 -10.11
N LYS A 265 -33.96 10.46 -10.80
CA LYS A 265 -33.65 9.83 -12.07
C LYS A 265 -33.57 8.32 -11.94
N LEU A 266 -33.80 7.83 -10.73
CA LEU A 266 -33.63 6.42 -10.43
C LEU A 266 -34.94 5.85 -9.91
N GLU A 267 -36.02 6.59 -10.16
CA GLU A 267 -37.33 6.21 -9.65
C GLU A 267 -37.18 5.73 -8.21
N LEU A 268 -36.91 6.69 -7.33
CA LEU A 268 -36.93 6.43 -5.90
C LEU A 268 -38.36 6.47 -5.42
N VAL A 269 -38.59 6.10 -4.17
CA VAL A 269 -39.94 6.16 -3.59
C VAL A 269 -39.95 7.21 -2.49
N LYS A 270 -40.83 8.20 -2.59
CA LYS A 270 -40.84 9.27 -1.59
C LYS A 270 -41.13 8.74 -0.19
N GLY A 271 -41.78 7.58 -0.09
CA GLY A 271 -42.16 7.05 1.20
C GLY A 271 -43.56 7.45 1.62
N ARG A 274 -38.77 6.07 9.54
CA ARG A 274 -37.54 5.36 9.86
C ARG A 274 -37.83 4.15 10.74
N LYS A 275 -38.35 3.09 10.13
CA LYS A 275 -38.69 1.87 10.85
C LYS A 275 -37.47 1.01 11.26
N VAL A 276 -36.28 1.60 11.28
CA VAL A 276 -35.02 0.89 11.59
C VAL A 276 -34.95 0.20 12.97
N LYS A 277 -35.34 0.92 14.02
CA LYS A 277 -35.31 0.40 15.40
C LYS A 277 -36.48 -0.53 15.64
N ASP A 278 -37.54 -0.27 14.88
CA ASP A 278 -38.78 -1.04 14.93
C ASP A 278 -38.71 -2.46 14.34
N ARG A 279 -38.07 -2.60 13.20
CA ARG A 279 -38.02 -3.85 12.46
C ARG A 279 -37.08 -4.86 13.15
N LEU A 280 -36.12 -4.34 13.91
CA LEU A 280 -35.12 -5.17 14.61
C LEU A 280 -35.35 -5.45 16.11
N LYS A 281 -36.24 -4.69 16.75
CA LYS A 281 -36.62 -4.94 18.16
C LYS A 281 -36.78 -6.43 18.52
N ALA A 282 -37.38 -7.21 17.64
CA ALA A 282 -37.60 -8.64 17.87
C ALA A 282 -36.32 -9.44 18.13
N TYR A 283 -35.31 -9.24 17.29
CA TYR A 283 -34.08 -10.03 17.34
C TYR A 283 -33.30 -9.41 18.47
N VAL A 284 -32.88 -8.17 18.28
CA VAL A 284 -31.92 -7.53 19.17
C VAL A 284 -32.81 -7.01 20.30
N ARG A 285 -32.57 -7.48 21.51
CA ARG A 285 -33.32 -7.03 22.68
C ARG A 285 -32.86 -5.72 23.36
N ASP A 286 -31.58 -5.64 23.67
CA ASP A 286 -30.98 -4.46 24.31
C ASP A 286 -31.07 -3.11 23.57
N PRO A 287 -31.65 -2.08 24.24
CA PRO A 287 -31.86 -0.70 23.77
C PRO A 287 -30.56 -0.06 23.26
N TYR A 288 -29.47 -0.14 24.04
CA TYR A 288 -28.22 0.52 23.68
C TYR A 288 -27.70 -0.06 22.37
N ALA A 289 -27.74 -1.38 22.27
CA ALA A 289 -27.39 -2.06 21.02
C ALA A 289 -28.22 -1.51 19.85
N LEU A 290 -29.52 -1.36 20.03
CA LEU A 290 -30.40 -0.84 18.99
C LEU A 290 -30.04 0.61 18.64
N ASP A 291 -29.67 1.39 19.66
CA ASP A 291 -29.32 2.78 19.43
C ASP A 291 -28.04 2.85 18.61
N LEU A 292 -27.08 1.99 18.96
CA LEU A 292 -25.85 1.94 18.21
C LEU A 292 -26.08 1.53 16.78
N ILE A 293 -26.90 0.51 16.57
CA ILE A 293 -27.16 0.09 15.21
C ILE A 293 -27.83 1.23 14.45
N ASP A 294 -28.75 1.95 15.09
CA ASP A 294 -29.36 3.12 14.46
C ASP A 294 -28.33 4.18 14.08
N LYS A 295 -27.32 4.35 14.91
CA LYS A 295 -26.32 5.37 14.64
C LYS A 295 -25.30 4.92 13.60
N LEU A 296 -25.18 3.61 13.41
CA LEU A 296 -24.37 3.08 12.29
C LEU A 296 -25.11 3.12 10.96
N LEU A 297 -26.36 2.68 10.96
CA LEU A 297 -27.17 2.65 9.75
C LEU A 297 -27.85 4.01 9.52
N VAL A 298 -27.06 5.08 9.60
CA VAL A 298 -27.54 6.43 9.36
C VAL A 298 -27.42 6.80 7.89
N LEU A 299 -28.45 7.44 7.35
CA LEU A 299 -28.49 7.73 5.93
C LEU A 299 -27.41 8.70 5.47
N ASP A 300 -27.37 9.89 6.07
CA ASP A 300 -26.35 10.84 5.69
C ASP A 300 -25.01 10.36 6.25
N PRO A 301 -24.08 9.96 5.38
CA PRO A 301 -22.75 9.48 5.79
C PRO A 301 -22.02 10.44 6.74
N ALA A 302 -22.31 11.73 6.64
CA ALA A 302 -21.61 12.75 7.40
C ALA A 302 -22.22 12.87 8.79
N GLN A 303 -23.44 12.33 8.92
CA GLN A 303 -24.17 12.29 10.18
C GLN A 303 -24.09 10.88 10.79
N ARG A 304 -23.51 9.96 10.04
CA ARG A 304 -23.27 8.58 10.46
C ARG A 304 -22.17 8.45 11.50
N ILE A 305 -22.45 7.72 12.57
CA ILE A 305 -21.46 7.56 13.64
C ILE A 305 -20.15 7.02 13.09
N ASP A 306 -19.04 7.46 13.67
CA ASP A 306 -17.71 7.01 13.26
C ASP A 306 -17.19 5.99 14.25
N SER A 307 -16.08 5.34 13.90
CA SER A 307 -15.57 4.25 14.73
C SER A 307 -15.23 4.70 16.16
N ASP A 308 -14.70 5.91 16.28
CA ASP A 308 -14.26 6.42 17.58
C ASP A 308 -15.43 6.60 18.55
N ASP A 309 -16.49 7.26 18.09
CA ASP A 309 -17.65 7.49 18.94
C ASP A 309 -18.41 6.19 19.17
N ALA A 310 -18.40 5.32 18.17
CA ALA A 310 -19.10 4.06 18.27
C ALA A 310 -18.45 3.23 19.38
N LEU A 311 -17.12 3.21 19.42
CA LEU A 311 -16.42 2.47 20.49
C LEU A 311 -16.79 3.04 21.85
N ASN A 312 -17.12 4.33 21.85
CA ASN A 312 -17.45 5.09 23.04
C ASN A 312 -18.89 4.96 23.50
N HIS A 313 -19.74 4.47 22.59
CA HIS A 313 -21.16 4.32 22.86
C HIS A 313 -21.42 3.57 24.15
N ASP A 314 -22.45 3.97 24.86
CA ASP A 314 -22.76 3.45 26.18
C ASP A 314 -22.95 1.95 26.10
N PHE A 315 -23.21 1.46 24.89
CA PHE A 315 -23.33 0.03 24.63
C PHE A 315 -22.15 -0.82 25.09
N PHE A 316 -20.96 -0.26 25.06
CA PHE A 316 -19.75 -0.98 25.49
C PHE A 316 -19.46 -0.66 26.94
N TRP A 317 -20.31 0.16 27.52
CA TRP A 317 -20.05 0.66 28.85
C TRP A 317 -21.32 0.43 29.66
N SER A 318 -21.88 -0.77 29.54
CA SER A 318 -23.01 -1.16 30.36
C SER A 318 -22.85 -2.48 31.08
N ASP A 319 -23.71 -2.68 32.10
CA ASP A 319 -23.70 -3.91 32.88
C ASP A 319 -23.25 -5.22 32.30
N PRO A 320 -23.87 -5.69 31.22
CA PRO A 320 -23.29 -6.88 30.57
C PRO A 320 -22.06 -6.42 29.81
N MET A 321 -20.97 -6.16 30.53
CA MET A 321 -19.75 -5.71 29.90
C MET A 321 -19.18 -6.73 28.93
N PRO A 322 -18.41 -6.26 27.94
CA PRO A 322 -17.81 -7.13 26.91
C PRO A 322 -16.98 -8.23 27.56
N SER A 323 -17.08 -9.46 27.08
CA SER A 323 -16.34 -10.58 27.66
C SER A 323 -15.58 -11.40 26.63
N ASP A 324 -14.49 -12.04 27.03
CA ASP A 324 -13.82 -12.90 26.08
C ASP A 324 -14.72 -13.93 25.44
N LEU A 325 -14.19 -14.61 24.44
CA LEU A 325 -14.97 -15.58 23.68
C LEU A 325 -14.35 -16.93 23.79
N LYS A 326 -13.08 -16.93 24.21
CA LYS A 326 -12.37 -18.14 24.51
C LYS A 326 -13.38 -19.17 24.98
N GLY A 327 -13.86 -19.09 26.23
CA GLY A 327 -14.96 -19.94 26.69
C GLY A 327 -15.61 -20.72 25.53
N MET A 328 -16.51 -20.05 24.80
CA MET A 328 -17.27 -20.72 23.74
C MET A 328 -16.44 -21.54 22.75
N ASN B 10 14.59 -4.23 9.63
CA ASN B 10 14.72 -2.82 9.27
C ASN B 10 16.12 -2.41 8.83
N LYS B 11 17.09 -3.31 8.97
CA LYS B 11 18.46 -3.00 8.62
C LYS B 11 18.92 -3.97 7.55
N ARG B 12 17.94 -4.66 6.97
CA ARG B 12 18.18 -5.58 5.88
C ARG B 12 18.83 -4.99 4.63
N TRP B 13 18.39 -3.81 4.23
CA TRP B 13 18.91 -3.18 3.01
C TRP B 13 19.91 -2.05 3.25
N TYR B 14 20.56 -2.06 4.40
CA TYR B 14 21.70 -1.18 4.67
C TYR B 14 23.01 -1.89 4.94
N PHE B 15 24.05 -1.41 4.28
CA PHE B 15 25.32 -2.11 4.23
C PHE B 15 26.48 -1.26 4.71
N THR B 16 27.45 -1.95 5.27
CA THR B 16 28.71 -1.37 5.68
C THR B 16 29.59 -1.20 4.46
N ARG B 17 30.64 -0.39 4.56
CA ARG B 17 31.49 -0.19 3.39
C ARG B 17 32.14 -1.50 2.99
N GLU B 18 32.46 -2.32 3.98
CA GLU B 18 33.02 -3.64 3.72
C GLU B 18 32.01 -4.53 3.00
N GLN B 19 30.74 -4.46 3.38
CA GLN B 19 29.70 -5.18 2.64
C GLN B 19 29.60 -4.67 1.21
N LEU B 20 29.78 -3.36 1.02
CA LEU B 20 29.76 -2.78 -0.31
C LEU B 20 30.95 -3.17 -1.15
N GLU B 21 32.10 -3.32 -0.52
CA GLU B 21 33.27 -3.79 -1.23
C GLU B 21 33.07 -5.21 -1.78
N ASN B 22 32.68 -6.15 -0.93
CA ASN B 22 32.42 -7.53 -1.36
C ASN B 22 31.03 -7.79 -1.93
N SER B 23 30.71 -7.15 -3.04
CA SER B 23 29.39 -7.31 -3.64
C SER B 23 29.41 -8.56 -4.51
N PRO B 24 28.22 -9.05 -4.88
CA PRO B 24 28.16 -10.20 -5.78
C PRO B 24 28.98 -9.95 -7.03
N SER B 25 28.92 -8.74 -7.55
CA SER B 25 29.69 -8.44 -8.75
C SER B 25 31.18 -8.53 -8.47
N ARG B 26 31.65 -8.09 -7.29
CA ARG B 26 33.08 -8.20 -7.03
C ARG B 26 33.53 -9.64 -7.08
N ARG B 27 32.68 -10.50 -6.53
CA ARG B 27 32.94 -11.92 -6.44
C ARG B 27 32.99 -12.59 -7.81
N PHE B 28 32.75 -11.82 -8.86
CA PHE B 28 32.78 -12.33 -10.23
C PHE B 28 33.77 -11.49 -11.06
N GLY B 29 34.68 -10.81 -10.36
CA GLY B 29 35.84 -10.16 -10.96
C GLY B 29 35.59 -8.76 -11.50
N VAL B 30 34.51 -8.13 -11.05
CA VAL B 30 34.23 -6.74 -11.37
C VAL B 30 34.90 -5.76 -10.39
N ASP B 31 35.77 -4.89 -10.90
CA ASP B 31 36.41 -3.86 -10.07
C ASP B 31 35.36 -3.05 -9.34
N PRO B 32 35.73 -2.44 -8.20
CA PRO B 32 34.82 -1.51 -7.51
C PRO B 32 34.31 -0.45 -8.47
N ASP B 33 35.27 0.20 -9.10
CA ASP B 33 35.00 1.31 -10.00
C ASP B 33 34.13 0.90 -11.19
N LYS B 34 34.41 -0.27 -11.74
CA LYS B 34 33.60 -0.81 -12.81
C LYS B 34 32.15 -0.97 -12.37
N GLU B 35 31.94 -1.54 -11.19
CA GLU B 35 30.60 -1.78 -10.71
C GLU B 35 29.84 -0.49 -10.49
N LEU B 36 30.55 0.49 -9.94
CA LEU B 36 29.96 1.80 -9.72
C LEU B 36 29.53 2.39 -11.06
N SER B 37 30.37 2.21 -12.06
CA SER B 37 30.04 2.66 -13.40
C SER B 37 28.78 1.95 -13.91
N TYR B 38 28.71 0.64 -13.72
CA TYR B 38 27.52 -0.11 -14.15
C TYR B 38 26.23 0.44 -13.52
N ARG B 39 26.32 0.84 -12.24
CA ARG B 39 25.19 1.45 -11.53
C ARG B 39 24.81 2.83 -12.10
N GLN B 40 25.80 3.67 -12.34
CA GLN B 40 25.50 4.98 -12.90
C GLN B 40 24.84 4.82 -14.27
N GLN B 41 25.25 3.80 -15.04
CA GLN B 41 24.65 3.63 -16.36
C GLN B 41 23.23 3.14 -16.24
N ALA B 42 22.97 2.27 -15.28
CA ALA B 42 21.58 1.84 -15.10
C ALA B 42 20.70 3.02 -14.73
N ALA B 43 21.18 3.88 -13.83
CA ALA B 43 20.39 5.07 -13.46
C ALA B 43 20.18 6.00 -14.66
N ASN B 44 21.20 6.17 -15.49
CA ASN B 44 21.02 6.99 -16.68
C ASN B 44 19.96 6.44 -17.62
N LEU B 45 20.01 5.14 -17.85
CA LEU B 45 18.99 4.51 -18.68
C LEU B 45 17.59 4.65 -18.08
N LEU B 46 17.49 4.47 -16.77
CA LEU B 46 16.20 4.66 -16.12
C LEU B 46 15.70 6.07 -16.28
N GLN B 47 16.59 7.05 -16.19
CA GLN B 47 16.13 8.42 -16.30
C GLN B 47 15.65 8.72 -17.71
N ASP B 48 16.42 8.27 -18.70
CA ASP B 48 16.03 8.47 -20.10
C ASP B 48 14.66 7.83 -20.42
N MET B 49 14.55 6.52 -20.13
CA MET B 49 13.29 5.83 -20.33
C MET B 49 12.16 6.50 -19.56
N GLY B 50 12.44 6.84 -18.30
CA GLY B 50 11.43 7.41 -17.42
C GLY B 50 10.91 8.72 -17.98
N GLN B 51 11.81 9.53 -18.53
CA GLN B 51 11.40 10.81 -19.09
C GLN B 51 10.54 10.60 -20.32
N ARG B 52 10.97 9.69 -21.18
CA ARG B 52 10.21 9.39 -22.39
C ARG B 52 8.84 8.76 -22.15
N LEU B 53 8.72 8.00 -21.06
CA LEU B 53 7.47 7.33 -20.75
C LEU B 53 6.57 8.34 -20.05
N ASN B 54 7.15 9.49 -19.69
CA ASN B 54 6.43 10.52 -18.96
C ASN B 54 5.96 10.09 -17.59
N VAL B 55 6.78 9.34 -16.88
CA VAL B 55 6.57 9.11 -15.46
C VAL B 55 7.28 10.19 -14.66
N SER B 56 6.96 10.28 -13.37
CA SER B 56 7.55 11.28 -12.48
C SER B 56 8.98 10.93 -12.08
N GLN B 57 9.71 11.92 -11.56
CA GLN B 57 11.04 11.64 -11.01
C GLN B 57 11.00 10.68 -9.83
N LEU B 58 9.96 10.79 -9.02
CA LEU B 58 9.74 9.83 -7.94
C LEU B 58 9.73 8.39 -8.44
N THR B 59 8.99 8.13 -9.52
CA THR B 59 8.92 6.78 -10.07
C THR B 59 10.28 6.33 -10.58
N ILE B 60 10.97 7.20 -11.32
CA ILE B 60 12.32 6.89 -11.77
C ILE B 60 13.21 6.55 -10.56
N ASN B 61 13.11 7.36 -9.52
CA ASN B 61 13.88 7.16 -8.28
C ASN B 61 13.58 5.82 -7.63
N THR B 62 12.29 5.50 -7.55
CA THR B 62 11.92 4.23 -6.96
C THR B 62 12.58 3.12 -7.77
N ALA B 63 12.48 3.22 -9.09
CA ALA B 63 13.08 2.19 -9.93
C ALA B 63 14.59 2.13 -9.72
N ILE B 64 15.22 3.29 -9.52
CA ILE B 64 16.66 3.31 -9.24
C ILE B 64 17.05 2.59 -7.93
N VAL B 65 16.27 2.80 -6.88
CA VAL B 65 16.53 2.07 -5.64
C VAL B 65 16.31 0.58 -5.84
N TYR B 66 15.24 0.22 -6.55
CA TYR B 66 15.03 -1.18 -6.84
C TYR B 66 16.35 -1.69 -7.46
N MET B 67 16.84 -1.02 -8.49
CA MET B 67 18.08 -1.47 -9.15
C MET B 67 19.28 -1.59 -8.17
N HIS B 68 19.49 -0.55 -7.38
CA HIS B 68 20.63 -0.52 -6.45
C HIS B 68 20.59 -1.73 -5.53
N ARG B 69 19.44 -1.97 -4.93
CA ARG B 69 19.29 -3.11 -4.05
C ARG B 69 19.44 -4.43 -4.79
N PHE B 70 18.81 -4.53 -5.95
CA PHE B 70 18.90 -5.73 -6.75
C PHE B 70 20.36 -6.13 -6.95
N TYR B 71 21.26 -5.17 -7.12
CA TYR B 71 22.66 -5.57 -7.34
C TYR B 71 23.52 -5.83 -6.09
N MET B 72 22.93 -5.72 -4.89
CA MET B 72 23.54 -6.26 -3.66
C MET B 72 23.28 -7.75 -3.47
N ILE B 73 22.41 -8.31 -4.29
CA ILE B 73 22.05 -9.73 -4.20
C ILE B 73 22.52 -10.45 -5.46
N GLN B 74 22.32 -9.82 -6.62
CA GLN B 74 22.73 -10.40 -7.89
C GLN B 74 23.99 -9.73 -8.46
N SER B 75 24.60 -10.37 -9.46
CA SER B 75 25.83 -9.86 -10.04
C SER B 75 25.55 -9.26 -11.41
N PHE B 76 26.22 -8.14 -11.72
CA PHE B 76 26.13 -7.57 -13.06
C PHE B 76 26.60 -8.51 -14.17
N THR B 77 27.51 -9.42 -13.82
CA THR B 77 28.01 -10.38 -14.78
C THR B 77 26.90 -11.33 -15.18
N ARG B 78 25.91 -11.46 -14.32
CA ARG B 78 24.77 -12.31 -14.61
C ARG B 78 23.52 -11.53 -15.11
N PHE B 79 23.29 -10.36 -14.54
CA PHE B 79 22.19 -9.47 -14.96
C PHE B 79 22.67 -8.09 -15.39
N PRO B 80 22.71 -7.87 -16.71
CA PRO B 80 23.09 -6.59 -17.33
C PRO B 80 22.17 -5.44 -16.95
N GLY B 81 22.72 -4.25 -16.71
CA GLY B 81 21.90 -3.09 -16.42
C GLY B 81 20.82 -2.90 -17.47
N ASN B 82 21.19 -3.15 -18.73
CA ASN B 82 20.27 -2.93 -19.85
C ASN B 82 19.08 -3.86 -19.87
N SER B 83 19.14 -4.94 -19.11
CA SER B 83 17.99 -5.82 -18.97
C SER B 83 17.19 -5.54 -17.72
N VAL B 84 17.88 -5.24 -16.64
CA VAL B 84 17.23 -5.03 -15.36
C VAL B 84 16.49 -3.69 -15.29
N ALA B 85 17.09 -2.64 -15.85
CA ALA B 85 16.52 -1.29 -15.78
C ALA B 85 15.07 -1.18 -16.26
N PRO B 86 14.81 -1.60 -17.51
CA PRO B 86 13.42 -1.54 -17.99
C PRO B 86 12.41 -2.26 -17.10
N ALA B 87 12.70 -3.48 -16.67
CA ALA B 87 11.80 -4.20 -15.78
C ALA B 87 11.61 -3.46 -14.45
N ALA B 88 12.72 -2.99 -13.87
CA ALA B 88 12.63 -2.25 -12.62
C ALA B 88 11.72 -1.05 -12.79
N LEU B 89 11.81 -0.39 -13.95
CA LEU B 89 11.00 0.80 -14.17
C LEU B 89 9.54 0.45 -14.37
N PHE B 90 9.28 -0.61 -15.13
CA PHE B 90 7.91 -1.08 -15.36
C PHE B 90 7.25 -1.35 -14.01
N LEU B 91 8.01 -2.00 -13.15
CA LEU B 91 7.53 -2.35 -11.82
C LEU B 91 7.32 -1.09 -10.96
N ALA B 92 8.30 -0.20 -10.95
CA ALA B 92 8.18 1.03 -10.15
C ALA B 92 7.01 1.87 -10.64
N ALA B 93 6.78 1.88 -11.94
CA ALA B 93 5.64 2.61 -12.46
C ALA B 93 4.33 2.00 -11.98
N LYS B 94 4.24 0.68 -11.96
CA LYS B 94 3.03 0.07 -11.38
C LYS B 94 2.89 0.41 -9.91
N VAL B 95 3.96 0.25 -9.14
CA VAL B 95 3.94 0.49 -7.70
C VAL B 95 3.63 1.94 -7.30
N GLU B 96 4.13 2.89 -8.08
CA GLU B 96 3.96 4.29 -7.75
C GLU B 96 2.67 4.87 -8.33
N GLY B 97 1.83 4.01 -8.87
CA GLY B 97 0.54 4.41 -9.41
C GLY B 97 0.60 5.14 -10.74
N GLN B 98 1.70 4.98 -11.48
CA GLN B 98 1.78 5.47 -12.86
C GLN B 98 2.08 4.34 -13.83
N PRO B 99 1.20 3.34 -13.87
CA PRO B 99 1.35 2.11 -14.66
C PRO B 99 1.60 2.45 -16.12
N LYS B 100 2.62 1.85 -16.71
CA LYS B 100 2.87 1.89 -18.15
C LYS B 100 2.67 0.52 -18.77
N LYS B 101 2.08 0.47 -19.96
CA LYS B 101 1.83 -0.81 -20.60
C LYS B 101 3.12 -1.55 -20.92
N LEU B 102 3.06 -2.87 -20.86
CA LEU B 102 4.22 -3.69 -21.15
C LEU B 102 4.88 -3.41 -22.50
N GLU B 103 4.07 -3.46 -23.56
CA GLU B 103 4.57 -3.15 -24.90
C GLU B 103 5.18 -1.75 -24.95
N HIS B 104 4.58 -0.82 -24.25
CA HIS B 104 5.03 0.57 -24.24
C HIS B 104 6.45 0.69 -23.65
N VAL B 105 6.67 0.08 -22.49
CA VAL B 105 7.98 0.14 -21.86
C VAL B 105 8.98 -0.59 -22.75
N ILE B 106 8.57 -1.72 -23.32
CA ILE B 106 9.46 -2.43 -24.24
C ILE B 106 9.84 -1.58 -25.48
N LYS B 107 8.88 -0.86 -26.05
CA LYS B 107 9.14 -0.04 -27.24
C LYS B 107 10.14 1.07 -26.87
N VAL B 108 9.89 1.74 -25.76
CA VAL B 108 10.79 2.81 -25.33
C VAL B 108 12.18 2.29 -24.96
N ALA B 109 12.23 1.13 -24.29
CA ALA B 109 13.50 0.49 -23.98
C ALA B 109 14.27 0.26 -25.27
N HIS B 110 13.56 -0.26 -26.27
CA HIS B 110 14.25 -0.56 -27.52
C HIS B 110 14.80 0.69 -28.17
N THR B 111 14.03 1.78 -28.22
CA THR B 111 14.61 2.97 -28.84
C THR B 111 15.77 3.56 -28.04
N CYS B 112 15.72 3.46 -26.73
CA CYS B 112 16.85 3.98 -25.94
C CYS B 112 18.12 3.16 -26.16
N LEU B 113 17.98 1.85 -26.20
CA LEU B 113 19.17 1.00 -26.36
C LEU B 113 19.67 0.88 -27.80
N HIS B 114 18.77 1.00 -28.76
CA HIS B 114 19.09 0.83 -30.17
C HIS B 114 18.46 1.88 -31.07
N PRO B 115 18.90 3.13 -30.93
CA PRO B 115 18.31 4.27 -31.63
C PRO B 115 18.25 4.00 -33.13
N GLN B 116 19.20 3.24 -33.65
CA GLN B 116 19.30 3.04 -35.09
C GLN B 116 18.56 1.80 -35.57
N GLU B 117 18.27 0.86 -34.68
CA GLU B 117 17.49 -0.27 -35.13
C GLU B 117 16.05 0.22 -35.25
N SER B 118 15.17 -0.68 -35.64
CA SER B 118 13.75 -0.38 -35.85
C SER B 118 13.01 -1.54 -35.23
N LEU B 119 11.90 -1.27 -34.56
CA LEU B 119 11.20 -2.34 -33.87
C LEU B 119 10.89 -3.53 -34.80
N PRO B 120 11.11 -4.75 -34.27
CA PRO B 120 10.80 -6.05 -34.88
C PRO B 120 9.33 -6.17 -35.14
N ASP B 121 8.93 -7.17 -35.92
CA ASP B 121 7.51 -7.33 -36.13
C ASP B 121 6.97 -7.72 -34.77
N THR B 122 5.99 -6.96 -34.30
CA THR B 122 5.35 -7.21 -33.01
C THR B 122 4.66 -8.56 -33.05
N ARG B 123 4.85 -9.27 -34.15
CA ARG B 123 4.32 -10.61 -34.37
C ARG B 123 5.39 -11.71 -34.32
N SER B 124 6.65 -11.29 -34.41
CA SER B 124 7.81 -12.18 -34.44
C SER B 124 8.01 -12.98 -33.18
N GLU B 125 8.71 -14.09 -33.32
CA GLU B 125 9.03 -14.97 -32.21
C GLU B 125 10.07 -14.29 -31.30
N ALA B 126 10.85 -13.41 -31.91
CA ALA B 126 11.89 -12.69 -31.19
C ALA B 126 11.27 -11.68 -30.23
N TYR B 127 10.43 -10.82 -30.77
CA TYR B 127 9.71 -9.88 -29.91
C TYR B 127 8.85 -10.55 -28.82
N LEU B 128 8.18 -11.64 -29.18
CA LEU B 128 7.38 -12.34 -28.19
C LEU B 128 8.32 -12.83 -27.08
N GLN B 129 9.55 -13.17 -27.46
CA GLN B 129 10.45 -13.70 -26.46
C GLN B 129 10.97 -12.60 -25.56
N GLN B 130 11.24 -11.42 -26.09
CA GLN B 130 11.71 -10.37 -25.20
C GLN B 130 10.63 -9.83 -24.27
N VAL B 131 9.37 -9.89 -24.70
CA VAL B 131 8.28 -9.55 -23.78
C VAL B 131 8.25 -10.59 -22.64
N GLN B 132 8.46 -11.84 -23.02
CA GLN B 132 8.42 -12.82 -21.97
C GLN B 132 9.66 -12.69 -21.04
N ASP B 133 10.78 -12.24 -21.58
CA ASP B 133 11.99 -12.02 -20.77
C ASP B 133 11.79 -10.89 -19.77
N LEU B 134 11.08 -9.86 -20.20
CA LEU B 134 10.81 -8.78 -19.25
C LEU B 134 9.95 -9.22 -18.10
N VAL B 135 8.83 -9.87 -18.42
CA VAL B 135 7.95 -10.35 -17.36
C VAL B 135 8.77 -11.24 -16.39
N ILE B 136 9.61 -12.10 -16.96
CA ILE B 136 10.42 -12.97 -16.13
C ILE B 136 11.38 -12.22 -15.21
N LEU B 137 11.94 -11.14 -15.73
CA LEU B 137 12.90 -10.38 -14.95
C LEU B 137 12.19 -9.62 -13.82
N GLU B 138 10.98 -9.14 -14.11
CA GLU B 138 10.18 -8.49 -13.06
C GLU B 138 9.94 -9.46 -11.93
N SER B 139 9.64 -10.71 -12.27
CA SER B 139 9.36 -11.68 -11.21
C SER B 139 10.63 -11.95 -10.39
N ILE B 140 11.76 -12.03 -11.09
CA ILE B 140 13.04 -12.19 -10.39
C ILE B 140 13.38 -11.02 -9.49
N ILE B 141 13.05 -9.80 -9.92
CA ILE B 141 13.29 -8.62 -9.09
C ILE B 141 12.42 -8.67 -7.84
N LEU B 142 11.14 -8.90 -8.05
CA LEU B 142 10.23 -9.02 -6.92
C LEU B 142 10.74 -10.03 -5.91
N GLN B 143 11.28 -11.14 -6.39
CA GLN B 143 11.75 -12.17 -5.48
C GLN B 143 13.10 -11.84 -4.83
N THR B 144 13.94 -11.08 -5.52
CA THR B 144 15.19 -10.68 -4.91
C THR B 144 14.93 -9.65 -3.79
N LEU B 145 13.96 -8.77 -4.00
CA LEU B 145 13.62 -7.75 -3.00
C LEU B 145 12.67 -8.27 -1.92
N GLY B 146 12.28 -9.53 -2.03
CA GLY B 146 11.35 -10.11 -1.09
C GLY B 146 10.08 -9.30 -1.02
N PHE B 147 9.64 -8.81 -2.18
CA PHE B 147 8.36 -8.10 -2.31
C PHE B 147 8.25 -6.89 -1.40
N GLU B 148 9.38 -6.44 -0.88
CA GLU B 148 9.46 -5.18 -0.15
C GLU B 148 9.62 -4.05 -1.18
N LEU B 149 8.52 -3.37 -1.48
CA LEU B 149 8.48 -2.43 -2.61
C LEU B 149 8.20 -0.97 -2.24
N THR B 150 7.84 -0.74 -0.98
CA THR B 150 7.54 0.62 -0.54
C THR B 150 8.84 1.33 -0.18
N ILE B 151 9.24 2.28 -1.00
CA ILE B 151 10.52 2.96 -0.81
C ILE B 151 10.40 4.39 -0.30
N ASP B 152 11.20 4.73 0.71
CA ASP B 152 11.32 6.10 1.19
C ASP B 152 12.52 6.83 0.58
N HIS B 153 12.29 8.03 0.05
CA HIS B 153 13.35 8.82 -0.60
C HIS B 153 13.76 10.03 0.24
N PRO B 154 15.02 10.48 0.09
CA PRO B 154 15.44 11.67 0.84
C PRO B 154 14.60 12.90 0.50
N HIS B 155 14.11 12.98 -0.72
CA HIS B 155 13.39 14.18 -1.15
C HIS B 155 12.28 14.55 -0.17
N THR B 156 11.59 13.57 0.38
CA THR B 156 10.50 13.82 1.31
C THR B 156 10.94 14.70 2.46
N HIS B 157 12.11 14.37 2.98
CA HIS B 157 12.69 15.02 4.13
C HIS B 157 13.29 16.35 3.73
N VAL B 158 13.65 16.48 2.45
CA VAL B 158 14.19 17.74 2.01
C VAL B 158 13.11 18.82 2.09
N VAL B 159 12.02 18.66 1.36
CA VAL B 159 10.89 19.57 1.47
C VAL B 159 10.61 20.10 2.89
N LYS B 160 10.42 19.17 3.81
CA LYS B 160 10.18 19.48 5.22
C LYS B 160 11.28 20.38 5.80
N CYS B 161 12.51 19.90 5.72
CA CYS B 161 13.67 20.56 6.31
C CYS B 161 13.98 21.97 5.76
N THR B 162 13.77 22.17 4.46
CA THR B 162 14.13 23.45 3.84
C THR B 162 13.36 24.55 4.53
N GLN B 163 12.05 24.40 4.54
CA GLN B 163 11.14 25.25 5.29
C GLN B 163 11.70 25.43 6.70
N LEU B 164 12.13 24.33 7.32
CA LEU B 164 12.69 24.42 8.66
C LEU B 164 14.07 25.12 8.76
N VAL B 165 14.43 25.89 7.73
CA VAL B 165 15.57 26.82 7.78
C VAL B 165 15.18 28.06 6.96
N ARG B 166 13.94 28.08 6.47
CA ARG B 166 13.39 29.20 5.72
C ARG B 166 14.41 29.54 4.63
N ALA B 167 14.62 28.54 3.77
CA ALA B 167 15.51 28.65 2.61
C ALA B 167 14.86 29.24 1.37
N SER B 168 15.67 29.92 0.57
CA SER B 168 15.24 30.49 -0.70
C SER B 168 14.66 29.37 -1.56
N LYS B 169 13.83 29.71 -2.54
CA LYS B 169 13.30 28.70 -3.45
C LYS B 169 14.47 27.99 -4.13
N ASP B 170 15.40 28.82 -4.61
CA ASP B 170 16.66 28.39 -5.18
C ASP B 170 17.31 27.24 -4.39
N LEU B 171 17.53 27.47 -3.11
CA LEU B 171 18.23 26.53 -2.25
C LEU B 171 17.46 25.20 -2.25
N ALA B 172 16.15 25.29 -2.10
CA ALA B 172 15.30 24.12 -2.10
C ALA B 172 15.41 23.37 -3.45
N GLN B 173 15.47 24.11 -4.54
CA GLN B 173 15.58 23.48 -5.85
C GLN B 173 16.90 22.73 -5.99
N THR B 174 17.94 23.37 -5.49
CA THR B 174 19.27 22.79 -5.49
C THR B 174 19.34 21.57 -4.57
N SER B 175 18.58 21.59 -3.48
CA SER B 175 18.63 20.45 -2.58
C SER B 175 17.97 19.22 -3.23
N TYR B 176 16.83 19.43 -3.88
CA TYR B 176 16.22 18.28 -4.55
C TYR B 176 17.18 17.76 -5.62
N PHE B 177 17.80 18.68 -6.36
CA PHE B 177 18.80 18.29 -7.35
C PHE B 177 19.91 17.46 -6.71
N MET B 178 20.36 17.86 -5.53
CA MET B 178 21.38 17.07 -4.86
C MET B 178 20.82 15.68 -4.58
N ALA B 179 19.60 15.60 -4.04
CA ALA B 179 19.00 14.29 -3.78
C ALA B 179 18.94 13.36 -5.01
N THR B 180 18.42 13.87 -6.12
CA THR B 180 18.36 13.05 -7.32
C THR B 180 19.74 12.62 -7.78
N ASN B 181 20.69 13.55 -7.75
CA ASN B 181 22.02 13.17 -8.18
C ASN B 181 22.65 12.20 -7.20
N SER B 182 22.28 12.30 -5.92
CA SER B 182 22.74 11.36 -4.93
C SER B 182 22.24 9.96 -5.26
N LEU B 183 21.03 9.86 -5.81
CA LEU B 183 20.58 8.57 -6.34
C LEU B 183 21.35 8.06 -7.55
N HIS B 184 21.56 8.94 -8.54
CA HIS B 184 22.31 8.49 -9.72
C HIS B 184 23.78 8.16 -9.47
N LEU B 185 24.45 8.91 -8.62
CA LEU B 185 25.91 8.90 -8.59
C LEU B 185 26.53 8.08 -7.45
N THR B 186 25.77 7.84 -6.38
CA THR B 186 26.34 7.17 -5.22
C THR B 186 25.53 5.98 -4.76
N THR B 187 26.08 5.27 -3.79
CA THR B 187 25.36 4.19 -3.13
C THR B 187 24.89 4.61 -1.75
N PHE B 188 24.71 5.91 -1.53
CA PHE B 188 24.23 6.39 -0.25
C PHE B 188 22.94 5.70 0.19
N SER B 189 22.09 5.36 -0.78
CA SER B 189 20.79 4.78 -0.49
C SER B 189 20.93 3.37 0.09
N LEU B 190 22.11 2.78 -0.08
CA LEU B 190 22.40 1.47 0.49
C LEU B 190 23.12 1.56 1.83
N GLN B 191 23.45 2.77 2.27
CA GLN B 191 24.26 2.93 3.48
C GLN B 191 23.58 3.83 4.50
N TYR B 192 22.93 4.89 4.04
CA TYR B 192 22.36 5.87 4.95
C TYR B 192 20.85 6.05 4.75
N THR B 193 20.09 6.28 5.83
CA THR B 193 18.64 6.48 5.74
C THR B 193 18.33 7.73 4.91
N PRO B 194 17.10 7.79 4.34
CA PRO B 194 16.73 8.95 3.53
C PRO B 194 16.83 10.32 4.23
N PRO B 195 16.46 10.38 5.53
CA PRO B 195 16.58 11.64 6.27
C PRO B 195 18.05 12.10 6.45
N VAL B 196 18.95 11.14 6.60
CA VAL B 196 20.37 11.47 6.69
C VAL B 196 20.85 12.01 5.35
N VAL B 197 20.54 11.28 4.29
CA VAL B 197 20.91 11.72 2.96
C VAL B 197 20.36 13.12 2.72
N ALA B 198 19.15 13.37 3.22
CA ALA B 198 18.52 14.66 2.99
C ALA B 198 19.35 15.74 3.68
N CYS B 199 19.85 15.42 4.86
CA CYS B 199 20.74 16.36 5.54
C CYS B 199 22.02 16.59 4.73
N VAL B 200 22.60 15.53 4.19
CA VAL B 200 23.77 15.67 3.32
C VAL B 200 23.50 16.63 2.15
N CYS B 201 22.34 16.48 1.53
CA CYS B 201 22.01 17.28 0.35
C CYS B 201 21.81 18.74 0.67
N ILE B 202 21.04 19.02 1.72
CA ILE B 202 20.90 20.40 2.17
C ILE B 202 22.28 21.00 2.51
N HIS B 203 23.12 20.22 3.18
CA HIS B 203 24.45 20.72 3.56
C HIS B 203 25.25 21.11 2.29
N LEU B 204 25.41 20.20 1.35
CA LEU B 204 26.10 20.55 0.11
C LEU B 204 25.44 21.76 -0.60
N ALA B 205 24.11 21.81 -0.60
CA ALA B 205 23.42 22.92 -1.28
C ALA B 205 23.78 24.26 -0.62
N CYS B 206 23.81 24.28 0.71
CA CYS B 206 24.22 25.49 1.42
C CYS B 206 25.63 25.89 1.05
N LYS B 207 26.58 24.96 1.15
CA LYS B 207 27.95 25.28 0.76
C LYS B 207 28.03 25.79 -0.69
N TRP B 208 27.31 25.14 -1.61
CA TRP B 208 27.36 25.49 -3.04
C TRP B 208 26.75 26.89 -3.31
N SER B 209 25.75 27.29 -2.52
CA SER B 209 25.05 28.56 -2.73
C SER B 209 25.63 29.64 -1.83
N ASN B 210 26.70 29.33 -1.11
CA ASN B 210 27.24 30.27 -0.14
C ASN B 210 26.15 30.76 0.79
N TRP B 211 25.37 29.81 1.27
CA TRP B 211 24.32 30.07 2.23
C TRP B 211 24.81 29.57 3.57
N GLU B 212 24.44 30.31 4.62
CA GLU B 212 24.75 29.91 5.98
C GLU B 212 23.50 29.86 6.83
N ILE B 213 23.31 28.70 7.45
CA ILE B 213 22.19 28.52 8.35
C ILE B 213 22.56 28.94 9.76
N PRO B 214 21.79 29.88 10.31
CA PRO B 214 22.14 30.49 11.59
C PRO B 214 22.09 29.47 12.70
N VAL B 215 23.01 29.56 13.66
CA VAL B 215 23.02 28.65 14.80
C VAL B 215 21.69 28.88 15.50
N SER B 216 21.08 27.80 15.96
CA SER B 216 19.78 27.92 16.61
C SER B 216 19.94 28.77 17.85
N THR B 217 18.82 29.32 18.27
CA THR B 217 18.78 30.16 19.47
C THR B 217 19.49 29.48 20.64
N ASP B 218 19.38 28.16 20.72
CA ASP B 218 19.97 27.39 21.81
C ASP B 218 21.49 27.33 21.66
N GLY B 219 21.85 26.79 20.51
CA GLY B 219 23.20 26.46 20.13
C GLY B 219 23.13 25.09 19.46
N LYS B 220 21.90 24.65 19.17
CA LYS B 220 21.65 23.40 18.47
C LYS B 220 21.69 23.70 16.98
N HIS B 221 22.43 22.86 16.26
CA HIS B 221 22.44 22.89 14.80
C HIS B 221 21.13 22.44 14.15
N TRP B 222 20.82 22.98 12.97
CA TRP B 222 19.55 22.69 12.27
C TRP B 222 19.26 21.19 12.05
N TRP B 223 20.31 20.45 11.67
CA TRP B 223 20.17 19.04 11.29
C TRP B 223 19.76 18.18 12.46
N GLU B 224 19.99 18.69 13.65
CA GLU B 224 19.67 17.99 14.87
C GLU B 224 18.15 17.87 15.02
N TYR B 225 17.40 18.69 14.27
CA TYR B 225 15.94 18.62 14.30
C TYR B 225 15.40 17.61 13.28
N VAL B 226 16.29 17.06 12.47
CA VAL B 226 15.92 16.15 11.38
C VAL B 226 16.29 14.69 11.63
N ASP B 227 17.47 14.47 12.20
CA ASP B 227 17.94 13.13 12.52
C ASP B 227 19.01 13.23 13.60
N ALA B 228 18.83 12.51 14.70
CA ALA B 228 19.69 12.68 15.86
C ALA B 228 21.09 12.11 15.64
N THR B 229 21.19 11.07 14.79
CA THR B 229 22.48 10.43 14.53
C THR B 229 23.46 11.27 13.69
N VAL B 230 23.04 12.43 13.21
CA VAL B 230 23.88 13.17 12.26
C VAL B 230 24.90 14.06 12.97
N THR B 231 26.14 13.97 12.50
CA THR B 231 27.24 14.80 13.00
C THR B 231 27.92 15.60 11.90
N LEU B 232 28.50 16.74 12.26
CA LEU B 232 29.18 17.59 11.28
C LEU B 232 30.32 16.88 10.57
N GLU B 233 31.02 16.02 11.28
CA GLU B 233 32.08 15.21 10.69
C GLU B 233 31.53 14.43 9.53
N LEU B 234 30.43 13.72 9.80
CA LEU B 234 29.81 12.92 8.77
C LEU B 234 29.28 13.74 7.60
N LEU B 235 28.54 14.80 7.90
CA LEU B 235 28.09 15.74 6.87
C LEU B 235 29.25 16.21 5.99
N ASP B 236 30.37 16.60 6.59
CA ASP B 236 31.46 17.10 5.77
C ASP B 236 32.07 16.00 4.94
N GLU B 237 32.11 14.80 5.51
CA GLU B 237 32.66 13.68 4.76
C GLU B 237 31.78 13.30 3.58
N LEU B 238 30.49 13.24 3.81
CA LEU B 238 29.59 12.79 2.77
C LEU B 238 29.40 13.85 1.69
N THR B 239 29.30 15.12 2.09
CA THR B 239 29.22 16.18 1.08
C THR B 239 30.51 16.17 0.26
N HIS B 240 31.66 15.93 0.88
CA HIS B 240 32.86 15.93 0.07
C HIS B 240 32.83 14.77 -0.94
N GLU B 241 32.39 13.60 -0.49
CA GLU B 241 32.24 12.46 -1.42
C GLU B 241 31.28 12.74 -2.60
N LEU B 242 30.09 13.22 -2.25
CA LEU B 242 29.11 13.55 -3.28
C LEU B 242 29.62 14.61 -4.23
N LEU B 243 30.19 15.67 -3.67
CA LEU B 243 30.80 16.72 -4.48
C LEU B 243 31.90 16.16 -5.39
N GLN B 244 32.68 15.20 -4.89
CA GLN B 244 33.73 14.67 -5.74
C GLN B 244 33.17 13.97 -6.94
N ILE B 245 32.17 13.12 -6.73
CA ILE B 245 31.61 12.45 -7.91
C ILE B 245 30.90 13.44 -8.84
N LEU B 246 30.25 14.45 -8.26
CA LEU B 246 29.62 15.49 -9.08
C LEU B 246 30.60 16.19 -10.00
N GLU B 247 31.80 16.46 -9.49
CA GLU B 247 32.83 17.09 -10.32
C GLU B 247 33.26 16.20 -11.49
N LYS B 248 33.10 14.89 -11.36
CA LYS B 248 33.49 13.98 -12.43
C LYS B 248 32.40 13.79 -13.48
N THR B 249 31.23 14.36 -13.23
CA THR B 249 30.08 14.24 -14.12
C THR B 249 29.85 15.45 -15.03
N PRO B 250 30.23 15.34 -16.30
CA PRO B 250 30.20 16.42 -17.31
C PRO B 250 28.87 17.18 -17.38
N ASN B 251 28.91 18.50 -17.24
CA ASN B 251 27.69 19.31 -17.39
C ASN B 251 26.75 19.27 -16.21
N ARG B 252 27.03 18.38 -15.27
CA ARG B 252 26.08 18.18 -14.18
C ARG B 252 26.06 19.39 -13.26
N LEU B 253 27.23 19.85 -12.84
CA LEU B 253 27.27 21.01 -11.95
C LEU B 253 26.83 22.28 -12.67
N LYS B 254 27.06 22.31 -13.98
CA LYS B 254 26.63 23.42 -14.82
C LYS B 254 25.17 23.78 -14.59
N ARG B 255 24.35 22.76 -14.43
CA ARG B 255 22.92 22.95 -14.22
C ARG B 255 22.61 23.78 -12.97
N ILE B 256 23.51 23.76 -11.98
CA ILE B 256 23.24 24.51 -10.75
C ILE B 256 24.20 25.66 -10.56
N TRP B 257 25.06 25.88 -11.55
CA TRP B 257 26.11 26.88 -11.44
C TRP B 257 25.53 28.25 -11.70
N ASN B 258 25.78 29.16 -10.77
CA ASN B 258 25.33 30.53 -10.91
C ASN B 258 26.25 31.22 -11.90
N TRP B 259 25.69 31.54 -13.06
CA TRP B 259 26.45 31.92 -14.23
C TRP B 259 26.64 33.41 -14.37
N ARG B 260 26.15 34.12 -13.37
CA ARG B 260 26.15 35.57 -13.40
C ARG B 260 27.55 35.98 -12.91
#